data_4PR4
#
_entry.id   4PR4
#
_cell.length_a   49.365
_cell.length_b   66.534
_cell.length_c   47.317
_cell.angle_alpha   90.00
_cell.angle_beta   92.22
_cell.angle_gamma   90.00
#
_symmetry.space_group_name_H-M   'P 1 21 1'
#
loop_
_entity.id
_entity.type
_entity.pdbx_description
1 polymer 'Aldose reductase'
2 non-polymer 'NADP NICOTINAMIDE-ADENINE-DINUCLEOTIDE PHOSPHATE'
3 non-polymer "3-(3'-nitrobiphenyl-3-yl)propanoic acid"
4 water water
#
_entity_poly.entity_id   1
_entity_poly.type   'polypeptide(L)'
_entity_poly.pdbx_seq_one_letter_code
;ASRILLNNGAKMPILGLGTWKSPPGQVTEAVKVAIDVGYRHIDCAHVYQNENEVGVAIQEKLREQVVKREELFIVSKLWC
TYHEKGLVKGACQKTLSDLKLDYLDLYLIHWPTGFKPGKEFFPLDESGNVVPSDTNILDTWAAMEELVDEGLVKAIGISN
FNHLQVEMILNKPGLKYKPAVNQIECHPYLTQEKLIQYCQSKGIVVTAYSPLGSPDRPWAKPEDPSLLEDPRIKAIAAKH
NKTTAQVLIRFPMQRNLVVIPKSVTPERIAENFKVFDFELSSQDMTTLLSYNRNWRVCALLSCTSHKDYPFHEEF
;
_entity_poly.pdbx_strand_id   A
#
loop_
_chem_comp.id
_chem_comp.type
_chem_comp.name
_chem_comp.formula
2W8 non-polymer '3-(3'-nitrobiphenyl-3-yl)propanoic acid' 'C15 H13 N O4'
NAP non-polymer 'NADP NICOTINAMIDE-ADENINE-DINUCLEOTIDE PHOSPHATE' 'C21 H28 N7 O17 P3'
#
# COMPACT_ATOMS: atom_id res chain seq x y z
N ALA A 1 16.49 -3.63 -11.98
CA ALA A 1 16.04 -2.24 -12.02
C ALA A 1 15.31 -1.86 -10.73
N SER A 2 15.57 -0.65 -10.26
CA SER A 2 15.03 -0.21 -8.98
C SER A 2 13.65 0.42 -9.09
N ARG A 3 13.20 0.73 -10.30
CA ARG A 3 11.87 1.32 -10.51
C ARG A 3 11.09 0.55 -11.56
N ILE A 4 9.77 0.64 -11.47
CA ILE A 4 8.86 0.02 -12.42
C ILE A 4 8.05 1.11 -13.12
N LEU A 5 7.85 0.94 -14.43
CA LEU A 5 7.13 1.91 -15.23
C LEU A 5 5.62 1.77 -15.04
N LEU A 6 4.97 2.86 -14.66
CA LEU A 6 3.52 2.90 -14.52
C LEU A 6 2.85 3.29 -15.83
N ASN A 7 1.56 3.02 -15.90
CA ASN A 7 0.78 3.32 -17.09
C ASN A 7 0.44 4.81 -17.27
N ASN A 8 0.97 5.66 -16.38
CA ASN A 8 0.92 7.11 -16.58
C ASN A 8 2.24 7.66 -17.12
N GLY A 9 3.20 6.77 -17.38
CA GLY A 9 4.49 7.19 -17.90
C GLY A 9 5.56 7.49 -16.87
N ALA A 10 5.20 7.44 -15.58
CA ALA A 10 6.15 7.69 -14.51
C ALA A 10 6.75 6.40 -13.96
N LYS A 11 7.91 6.52 -13.32
CA LYS A 11 8.57 5.36 -12.74
C LYS A 11 8.42 5.36 -11.23
N MET A 12 8.10 4.19 -10.67
CA MET A 12 7.82 4.02 -9.25
C MET A 12 8.89 3.12 -8.62
N PRO A 13 9.54 3.58 -7.54
CA PRO A 13 10.53 2.71 -6.88
C PRO A 13 9.88 1.44 -6.32
N ILE A 14 10.51 0.31 -6.61
CA ILE A 14 9.91 -0.98 -6.22
C ILE A 14 10.01 -1.26 -4.73
N LEU A 15 10.86 -0.52 -4.03
CA LEU A 15 10.91 -0.60 -2.57
C LEU A 15 10.49 0.72 -1.97
N GLY A 16 9.56 0.67 -1.02
CA GLY A 16 9.16 1.85 -0.28
C GLY A 16 9.07 1.56 1.21
N LEU A 17 8.96 2.64 1.99
CA LEU A 17 8.81 2.54 3.42
C LEU A 17 7.35 2.66 3.83
N GLY A 18 6.83 1.65 4.54
CA GLY A 18 5.50 1.71 5.10
C GLY A 18 5.45 2.53 6.37
N THR A 19 4.29 3.11 6.67
CA THR A 19 4.13 4.00 7.82
C THR A 19 2.89 3.71 8.67
N TRP A 20 2.14 2.66 8.36
CA TRP A 20 1.03 2.28 9.23
C TRP A 20 1.57 1.78 10.58
N LYS A 21 1.07 2.38 11.67
CA LYS A 21 1.47 2.05 13.05
C LYS A 21 2.79 2.69 13.45
N SER A 22 3.44 3.42 12.55
CA SER A 22 4.67 4.10 12.93
C SER A 22 4.31 5.23 13.88
N PRO A 23 4.79 5.18 15.14
CA PRO A 23 4.35 6.19 16.11
C PRO A 23 4.75 7.59 15.67
N PRO A 24 3.88 8.58 15.93
CA PRO A 24 4.19 9.92 15.44
C PRO A 24 5.49 10.49 16.02
N GLY A 25 5.89 10.03 17.21
CA GLY A 25 7.12 10.48 17.82
C GLY A 25 8.36 9.78 17.31
N GLN A 26 8.19 8.79 16.45
CA GLN A 26 9.29 8.04 15.87
C GLN A 26 9.36 8.11 14.35
N VAL A 27 8.25 8.45 13.70
CA VAL A 27 8.20 8.31 12.25
C VAL A 27 9.01 9.39 11.53
N THR A 28 9.19 10.55 12.15
CA THR A 28 10.00 11.58 11.51
C THR A 28 11.43 11.06 11.36
N GLU A 29 12.01 10.57 12.44
CA GLU A 29 13.35 10.00 12.34
C GLU A 29 13.39 8.78 11.41
N ALA A 30 12.34 7.95 11.42
CA ALA A 30 12.32 6.78 10.55
C ALA A 30 12.43 7.17 9.08
N VAL A 31 11.66 8.18 8.69
CA VAL A 31 11.65 8.63 7.31
C VAL A 31 12.98 9.32 6.95
N LYS A 32 13.53 10.10 7.88
CA LYS A 32 14.84 10.72 7.66
C LYS A 32 15.92 9.66 7.42
N VAL A 33 15.95 8.65 8.28
CA VAL A 33 16.90 7.55 8.13
C VAL A 33 16.68 6.83 6.80
N ALA A 34 15.43 6.55 6.48
CA ALA A 34 15.11 5.84 5.24
C ALA A 34 15.66 6.60 4.03
N ILE A 35 15.40 7.90 3.98
CA ILE A 35 15.91 8.70 2.86
C ILE A 35 17.44 8.70 2.85
N ASP A 36 18.06 8.83 4.02
CA ASP A 36 19.51 8.80 4.11
C ASP A 36 20.13 7.49 3.59
N VAL A 37 19.44 6.36 3.78
CA VAL A 37 19.97 5.07 3.36
C VAL A 37 19.47 4.60 2.00
N GLY A 38 18.69 5.42 1.32
CA GLY A 38 18.38 5.19 -0.09
C GLY A 38 16.92 5.11 -0.46
N TYR A 39 16.00 5.06 0.49
CA TYR A 39 14.60 4.96 0.14
C TYR A 39 14.17 6.24 -0.59
N ARG A 40 13.33 6.05 -1.61
CA ARG A 40 12.82 7.17 -2.40
C ARG A 40 11.31 7.09 -2.56
N HIS A 41 10.68 6.15 -1.87
CA HIS A 41 9.24 5.90 -1.94
C HIS A 41 8.76 5.73 -0.50
N ILE A 42 7.77 6.54 -0.11
CA ILE A 42 7.15 6.45 1.20
C ILE A 42 5.65 6.21 1.01
N ASP A 43 5.11 5.18 1.69
CA ASP A 43 3.69 4.87 1.64
C ASP A 43 3.00 5.44 2.88
N CYS A 44 2.02 6.31 2.65
CA CYS A 44 1.34 7.08 3.68
C CYS A 44 -0.17 6.90 3.60
N ALA A 45 -0.87 7.39 4.61
CA ALA A 45 -2.32 7.49 4.53
C ALA A 45 -2.84 8.43 5.60
N HIS A 46 -3.90 9.17 5.28
CA HIS A 46 -4.55 10.02 6.26
C HIS A 46 -4.97 9.24 7.51
N VAL A 47 -5.51 8.04 7.31
CA VAL A 47 -6.04 7.26 8.42
C VAL A 47 -4.93 6.80 9.39
N TYR A 48 -3.67 6.87 8.96
CA TYR A 48 -2.57 6.48 9.85
C TYR A 48 -2.27 7.53 10.92
N GLN A 49 -2.81 8.73 10.74
CA GLN A 49 -2.73 9.83 11.73
C GLN A 49 -1.31 10.33 11.98
N ASN A 50 -0.41 10.14 11.03
CA ASN A 50 0.97 10.54 11.21
C ASN A 50 1.55 11.25 9.98
N GLU A 51 0.68 11.71 9.07
CA GLU A 51 1.19 12.37 7.88
C GLU A 51 1.94 13.67 8.17
N ASN A 52 1.53 14.43 9.18
CA ASN A 52 2.26 15.66 9.50
C ASN A 52 3.73 15.33 9.81
N GLU A 53 3.92 14.30 10.63
CA GLU A 53 5.26 13.92 11.08
C GLU A 53 6.08 13.29 9.94
N VAL A 54 5.43 12.52 9.07
CA VAL A 54 6.11 12.04 7.88
C VAL A 54 6.57 13.25 7.05
N GLY A 55 5.68 14.23 6.91
CA GLY A 55 5.98 15.43 6.14
C GLY A 55 7.16 16.23 6.67
N VAL A 56 7.28 16.31 7.99
CA VAL A 56 8.42 17.00 8.59
C VAL A 56 9.74 16.40 8.09
N ALA A 57 9.80 15.08 8.04
CA ALA A 57 11.00 14.40 7.55
C ALA A 57 11.27 14.66 6.07
N ILE A 58 10.22 14.54 5.26
CA ILE A 58 10.37 14.77 3.83
C ILE A 58 10.88 16.20 3.60
N GLN A 59 10.26 17.15 4.27
CA GLN A 59 10.62 18.56 4.09
C GLN A 59 12.04 18.84 4.52
N GLU A 60 12.48 18.25 5.63
CA GLU A 60 13.85 18.46 6.07
C GLU A 60 14.83 17.93 5.04
N LYS A 61 14.56 16.75 4.48
CA LYS A 61 15.49 16.18 3.52
C LYS A 61 15.50 16.94 2.19
N LEU A 62 14.35 17.48 1.80
CA LEU A 62 14.29 18.36 0.63
C LEU A 62 15.08 19.65 0.92
N ARG A 63 14.85 20.25 2.09
CA ARG A 63 15.56 21.48 2.48
C ARG A 63 17.07 21.27 2.58
N GLU A 64 17.48 20.13 3.13
CA GLU A 64 18.89 19.76 3.27
C GLU A 64 19.51 19.41 1.91
N GLN A 65 18.69 19.27 0.88
CA GLN A 65 19.15 18.86 -0.46
C GLN A 65 19.82 17.48 -0.44
N VAL A 66 19.28 16.61 0.43
CA VAL A 66 19.65 15.20 0.42
C VAL A 66 19.02 14.51 -0.80
N VAL A 67 17.85 15.00 -1.20
CA VAL A 67 17.11 14.45 -2.31
C VAL A 67 16.32 15.59 -2.95
N LYS A 68 16.03 15.47 -4.24
CA LYS A 68 15.14 16.41 -4.93
C LYS A 68 13.72 15.87 -4.95
N ARG A 69 12.74 16.76 -5.02
CA ARG A 69 11.34 16.33 -5.01
C ARG A 69 11.05 15.34 -6.15
N GLU A 70 11.62 15.58 -7.32
CA GLU A 70 11.37 14.72 -8.48
C GLU A 70 11.90 13.30 -8.27
N GLU A 71 12.82 13.13 -7.33
CA GLU A 71 13.40 11.83 -7.02
C GLU A 71 12.59 11.04 -6.01
N LEU A 72 11.67 11.71 -5.32
CA LEU A 72 10.81 11.06 -4.35
C LEU A 72 9.52 10.60 -5.00
N PHE A 73 8.97 9.52 -4.44
CA PHE A 73 7.70 8.98 -4.89
C PHE A 73 6.83 8.82 -3.65
N ILE A 74 5.95 9.79 -3.44
CA ILE A 74 5.14 9.83 -2.24
C ILE A 74 3.72 9.39 -2.56
N VAL A 75 3.24 8.41 -1.79
CA VAL A 75 1.93 7.80 -1.98
C VAL A 75 1.06 8.09 -0.77
N SER A 76 -0.19 8.49 -1.01
CA SER A 76 -1.17 8.50 0.07
C SER A 76 -2.50 7.94 -0.42
N LYS A 77 -3.50 7.96 0.45
CA LYS A 77 -4.72 7.23 0.22
C LYS A 77 -5.91 7.98 0.76
N LEU A 78 -6.98 7.97 -0.01
CA LEU A 78 -8.28 8.56 0.31
C LEU A 78 -9.02 7.65 1.27
N TRP A 79 -9.33 8.14 2.47
CA TRP A 79 -10.00 7.31 3.46
C TRP A 79 -11.49 7.10 3.10
N CYS A 80 -12.08 6.07 3.69
CA CYS A 80 -13.43 5.59 3.35
C CYS A 80 -14.54 6.61 3.60
N THR A 81 -14.33 7.52 4.54
CA THR A 81 -15.35 8.52 4.89
C THR A 81 -15.30 9.72 3.95
N TYR A 82 -14.46 9.66 2.92
CA TYR A 82 -14.32 10.75 1.95
C TYR A 82 -14.60 10.28 0.52
N HIS A 83 -15.39 9.22 0.37
CA HIS A 83 -15.73 8.75 -0.97
C HIS A 83 -16.71 9.66 -1.72
N GLU A 84 -17.50 10.46 -1.00
CA GLU A 84 -18.42 11.38 -1.66
C GLU A 84 -17.64 12.31 -2.58
N LYS A 85 -18.15 12.50 -3.79
N LYS A 85 -18.14 12.51 -3.80
CA LYS A 85 -17.39 13.24 -4.80
CA LYS A 85 -17.36 13.24 -4.80
C LYS A 85 -16.93 14.60 -4.27
C LYS A 85 -16.99 14.66 -4.37
N GLY A 86 -17.83 15.28 -3.55
CA GLY A 86 -17.54 16.61 -3.04
C GLY A 86 -16.52 16.70 -1.92
N LEU A 87 -16.10 15.55 -1.39
CA LEU A 87 -15.13 15.54 -0.28
C LEU A 87 -13.74 15.11 -0.71
N VAL A 88 -13.61 14.58 -1.93
CA VAL A 88 -12.36 13.99 -2.38
C VAL A 88 -11.23 15.02 -2.47
N LYS A 89 -11.50 16.18 -3.08
CA LYS A 89 -10.46 17.19 -3.23
C LYS A 89 -9.95 17.68 -1.88
N GLY A 90 -10.86 17.97 -0.95
CA GLY A 90 -10.46 18.43 0.36
C GLY A 90 -9.62 17.40 1.11
N ALA A 91 -9.98 16.14 0.99
CA ALA A 91 -9.20 15.08 1.61
C ALA A 91 -7.79 15.03 1.04
N CYS A 92 -7.68 15.15 -0.27
CA CYS A 92 -6.37 15.15 -0.91
C CYS A 92 -5.58 16.37 -0.46
N GLN A 93 -6.22 17.53 -0.41
CA GLN A 93 -5.55 18.75 -0.02
C GLN A 93 -5.07 18.71 1.43
N LYS A 94 -5.84 18.10 2.31
CA LYS A 94 -5.41 17.95 3.70
C LYS A 94 -4.16 17.07 3.79
N THR A 95 -4.14 15.99 3.05
CA THR A 95 -2.96 15.13 2.99
C THR A 95 -1.75 15.90 2.42
N LEU A 96 -1.95 16.67 1.36
CA LEU A 96 -0.87 17.49 0.79
C LEU A 96 -0.33 18.49 1.81
N SER A 97 -1.25 19.12 2.54
N SER A 97 -1.25 19.12 2.55
CA SER A 97 -0.87 20.10 3.55
CA SER A 97 -0.86 20.11 3.55
C SER A 97 -0.04 19.44 4.65
C SER A 97 -0.07 19.47 4.69
N ASP A 98 -0.51 18.29 5.15
CA ASP A 98 0.21 17.59 6.21
C ASP A 98 1.58 17.10 5.74
N LEU A 99 1.64 16.55 4.53
CA LEU A 99 2.91 16.06 4.00
C LEU A 99 3.83 17.18 3.52
N LYS A 100 3.29 18.40 3.46
CA LYS A 100 3.99 19.59 2.98
C LYS A 100 4.50 19.45 1.54
N LEU A 101 3.60 18.99 0.70
CA LEU A 101 3.86 18.76 -0.71
C LEU A 101 2.88 19.54 -1.55
N ASP A 102 3.26 19.80 -2.80
CA ASP A 102 2.31 20.39 -3.74
C ASP A 102 1.73 19.38 -4.72
N TYR A 103 2.21 18.15 -4.70
CA TYR A 103 1.57 17.07 -5.43
C TYR A 103 1.94 15.75 -4.78
N LEU A 104 1.11 14.74 -5.00
CA LEU A 104 1.44 13.36 -4.67
C LEU A 104 1.84 12.64 -5.95
N ASP A 105 2.76 11.69 -5.84
CA ASP A 105 3.07 10.86 -6.99
C ASP A 105 1.96 9.85 -7.29
N LEU A 106 1.26 9.42 -6.24
CA LEU A 106 0.21 8.43 -6.39
C LEU A 106 -0.79 8.60 -5.26
N TYR A 107 -2.08 8.62 -5.61
CA TYR A 107 -3.15 8.71 -4.62
C TYR A 107 -4.10 7.55 -4.88
N LEU A 108 -4.34 6.76 -3.82
CA LEU A 108 -5.13 5.54 -3.92
C LEU A 108 -6.48 5.67 -3.23
N ILE A 109 -7.52 5.07 -3.80
CA ILE A 109 -8.72 4.80 -3.01
C ILE A 109 -8.32 3.71 -2.00
N HIS A 110 -8.37 4.02 -0.71
CA HIS A 110 -7.76 3.16 0.31
C HIS A 110 -8.46 1.78 0.38
N TRP A 111 -9.80 1.81 0.37
CA TRP A 111 -10.63 0.60 0.36
C TRP A 111 -11.81 0.86 -0.55
N PRO A 112 -12.39 -0.20 -1.13
CA PRO A 112 -13.55 0.01 -2.01
C PRO A 112 -14.83 0.37 -1.25
N THR A 113 -14.82 0.20 0.07
CA THR A 113 -15.97 0.46 0.92
C THR A 113 -16.05 1.93 1.33
N GLY A 114 -17.08 2.65 0.88
CA GLY A 114 -17.34 3.99 1.36
C GLY A 114 -18.15 3.99 2.65
N PHE A 115 -17.80 4.90 3.56
CA PHE A 115 -18.49 5.02 4.84
C PHE A 115 -19.12 6.43 4.95
N LYS A 116 -20.12 6.55 5.81
CA LYS A 116 -20.74 7.85 6.08
C LYS A 116 -19.70 8.88 6.48
N PRO A 117 -19.75 10.08 5.88
N PRO A 117 -19.71 10.05 5.84
CA PRO A 117 -18.78 11.11 6.25
CA PRO A 117 -18.79 11.13 6.24
C PRO A 117 -19.02 11.67 7.65
C PRO A 117 -19.00 11.60 7.68
N GLY A 118 -17.95 12.16 8.27
CA GLY A 118 -18.01 12.64 9.63
C GLY A 118 -16.65 12.54 10.27
N LYS A 119 -16.56 12.87 11.55
CA LYS A 119 -15.28 12.89 12.24
C LYS A 119 -14.71 11.49 12.43
N GLU A 120 -15.59 10.53 12.65
CA GLU A 120 -15.18 9.16 12.94
C GLU A 120 -14.73 8.45 11.67
N PHE A 121 -13.56 7.80 11.74
CA PHE A 121 -13.06 7.05 10.61
C PHE A 121 -13.87 5.78 10.34
N PHE A 122 -14.48 5.22 11.39
CA PHE A 122 -15.34 4.05 11.29
C PHE A 122 -16.67 4.36 11.95
N PRO A 123 -17.56 5.06 11.23
CA PRO A 123 -18.86 5.38 11.83
C PRO A 123 -19.67 4.10 12.02
N LEU A 124 -20.22 3.92 13.22
CA LEU A 124 -20.93 2.69 13.56
C LEU A 124 -22.39 2.96 13.86
N ASP A 125 -23.24 2.00 13.54
CA ASP A 125 -24.60 2.02 14.07
C ASP A 125 -24.59 1.47 15.50
N GLU A 126 -25.73 1.49 16.18
CA GLU A 126 -25.76 1.08 17.59
C GLU A 126 -25.42 -0.40 17.78
N SER A 127 -25.45 -1.17 16.71
CA SER A 127 -25.12 -2.60 16.77
C SER A 127 -23.69 -2.92 16.34
N GLY A 128 -22.92 -1.90 15.99
CA GLY A 128 -21.52 -2.08 15.67
C GLY A 128 -21.18 -2.30 14.20
N ASN A 129 -22.18 -2.26 13.33
CA ASN A 129 -21.91 -2.34 11.91
C ASN A 129 -21.44 -0.99 11.40
N VAL A 130 -20.52 -0.99 10.45
CA VAL A 130 -20.10 0.26 9.84
C VAL A 130 -21.27 0.83 9.04
N VAL A 131 -21.40 2.14 9.06
CA VAL A 131 -22.46 2.81 8.33
C VAL A 131 -21.95 3.17 6.93
N PRO A 132 -22.53 2.56 5.88
CA PRO A 132 -22.01 2.84 4.55
C PRO A 132 -22.40 4.19 3.97
N SER A 133 -21.66 4.58 2.94
N SER A 133 -21.72 4.57 2.89
CA SER A 133 -22.02 5.66 2.02
CA SER A 133 -22.17 5.70 2.11
C SER A 133 -22.78 5.06 0.84
C SER A 133 -22.66 5.18 0.76
N ASP A 134 -23.69 5.83 0.23
CA ASP A 134 -24.31 5.40 -1.02
C ASP A 134 -23.57 5.86 -2.28
N THR A 135 -22.41 6.48 -2.13
CA THR A 135 -21.68 6.94 -3.31
C THR A 135 -21.08 5.76 -4.05
N ASN A 136 -21.42 5.64 -5.33
CA ASN A 136 -20.87 4.61 -6.18
C ASN A 136 -19.37 4.81 -6.34
N ILE A 137 -18.61 3.74 -6.22
CA ILE A 137 -17.16 3.79 -6.39
C ILE A 137 -16.72 4.34 -7.75
N LEU A 138 -17.56 4.18 -8.77
CA LEU A 138 -17.27 4.76 -10.07
C LEU A 138 -17.31 6.28 -9.99
N ASP A 139 -18.20 6.81 -9.17
CA ASP A 139 -18.25 8.24 -8.94
C ASP A 139 -17.04 8.72 -8.14
N THR A 140 -16.64 7.95 -7.14
CA THR A 140 -15.40 8.26 -6.43
C THR A 140 -14.22 8.27 -7.42
N TRP A 141 -14.19 7.30 -8.34
CA TRP A 141 -13.13 7.26 -9.34
C TRP A 141 -13.10 8.52 -10.20
N ALA A 142 -14.26 8.98 -10.64
CA ALA A 142 -14.32 10.21 -11.42
C ALA A 142 -13.73 11.38 -10.63
N ALA A 143 -14.00 11.42 -9.33
CA ALA A 143 -13.45 12.48 -8.48
C ALA A 143 -11.93 12.37 -8.37
N MET A 144 -11.41 11.15 -8.33
CA MET A 144 -9.97 10.91 -8.36
C MET A 144 -9.35 11.40 -9.67
N GLU A 145 -10.03 11.13 -10.79
CA GLU A 145 -9.54 11.59 -12.08
C GLU A 145 -9.40 13.12 -12.12
N GLU A 146 -10.33 13.81 -11.48
CA GLU A 146 -10.25 15.26 -11.43
C GLU A 146 -8.97 15.75 -10.74
N LEU A 147 -8.49 15.01 -9.75
CA LEU A 147 -7.25 15.38 -9.06
C LEU A 147 -6.05 15.37 -9.99
N VAL A 148 -6.01 14.40 -10.92
CA VAL A 148 -4.96 14.38 -11.92
C VAL A 148 -5.06 15.65 -12.78
N ASP A 149 -6.27 15.97 -13.20
CA ASP A 149 -6.49 17.09 -14.10
C ASP A 149 -6.31 18.45 -13.43
N GLU A 150 -6.27 18.47 -12.11
CA GLU A 150 -6.01 19.70 -11.36
C GLU A 150 -4.56 19.81 -10.89
N GLY A 151 -3.74 18.80 -11.19
CA GLY A 151 -2.33 18.84 -10.85
C GLY A 151 -1.99 18.46 -9.43
N LEU A 152 -2.97 17.97 -8.67
N LEU A 152 -2.97 17.97 -8.66
CA LEU A 152 -2.71 17.61 -7.28
CA LEU A 152 -2.73 17.60 -7.27
C LEU A 152 -2.02 16.26 -7.13
C LEU A 152 -2.01 16.27 -7.13
N VAL A 153 -2.22 15.37 -8.10
CA VAL A 153 -1.62 14.05 -8.05
C VAL A 153 -1.15 13.67 -9.46
N LYS A 154 -0.04 12.93 -9.54
CA LYS A 154 0.48 12.51 -10.85
C LYS A 154 -0.15 11.22 -11.35
N ALA A 155 -0.62 10.40 -10.42
CA ALA A 155 -1.21 9.11 -10.73
C ALA A 155 -2.26 8.79 -9.68
N ILE A 156 -3.26 8.01 -10.10
CA ILE A 156 -4.29 7.51 -9.21
C ILE A 156 -4.37 6.00 -9.27
N GLY A 157 -4.81 5.39 -8.18
CA GLY A 157 -4.96 3.95 -8.13
C GLY A 157 -5.93 3.54 -7.05
N ILE A 158 -5.88 2.24 -6.75
CA ILE A 158 -6.85 1.61 -5.89
C ILE A 158 -6.10 0.70 -4.90
N SER A 159 -6.80 0.29 -3.85
CA SER A 159 -6.21 -0.57 -2.85
C SER A 159 -7.30 -1.47 -2.27
N ASN A 160 -6.95 -2.74 -2.07
CA ASN A 160 -7.88 -3.73 -1.55
C ASN A 160 -9.10 -3.94 -2.45
N PHE A 161 -8.92 -3.73 -3.76
CA PHE A 161 -9.98 -4.03 -4.73
C PHE A 161 -9.80 -5.48 -5.20
N ASN A 162 -10.90 -6.23 -5.18
CA ASN A 162 -10.89 -7.60 -5.71
C ASN A 162 -10.99 -7.55 -7.23
N HIS A 163 -10.89 -8.70 -7.89
CA HIS A 163 -10.79 -8.65 -9.34
C HIS A 163 -12.05 -8.10 -10.00
N LEU A 164 -13.23 -8.39 -9.44
CA LEU A 164 -14.47 -7.85 -9.97
C LEU A 164 -14.53 -6.33 -9.81
N GLN A 165 -13.99 -5.83 -8.71
CA GLN A 165 -13.97 -4.41 -8.44
C GLN A 165 -12.99 -3.68 -9.36
N VAL A 166 -11.83 -4.30 -9.61
CA VAL A 166 -10.90 -3.78 -10.59
C VAL A 166 -11.57 -3.73 -11.96
N GLU A 167 -12.23 -4.82 -12.32
CA GLU A 167 -12.94 -4.90 -13.60
C GLU A 167 -14.01 -3.80 -13.71
N MET A 168 -14.71 -3.54 -12.61
CA MET A 168 -15.71 -2.48 -12.61
C MET A 168 -15.12 -1.11 -12.97
N ILE A 169 -13.97 -0.79 -12.39
CA ILE A 169 -13.29 0.45 -12.72
C ILE A 169 -12.84 0.44 -14.18
N LEU A 170 -12.24 -0.66 -14.62
CA LEU A 170 -11.76 -0.74 -15.99
C LEU A 170 -12.90 -0.62 -16.99
N ASN A 171 -14.09 -1.06 -16.58
CA ASN A 171 -15.27 -1.01 -17.43
C ASN A 171 -16.13 0.23 -17.18
N LYS A 172 -15.64 1.20 -16.43
CA LYS A 172 -16.41 2.41 -16.14
C LYS A 172 -16.75 3.16 -17.43
N PRO A 173 -18.04 3.48 -17.62
CA PRO A 173 -18.38 4.32 -18.77
C PRO A 173 -17.62 5.64 -18.73
N GLY A 174 -16.96 5.96 -19.83
CA GLY A 174 -16.25 7.22 -19.92
C GLY A 174 -14.96 7.29 -19.12
N LEU A 175 -14.41 6.14 -18.74
CA LEU A 175 -13.15 6.09 -18.00
C LEU A 175 -12.09 6.97 -18.63
N LYS A 176 -11.48 7.83 -17.82
CA LYS A 176 -10.48 8.76 -18.34
C LYS A 176 -9.06 8.31 -18.04
N TYR A 177 -8.81 7.86 -16.81
CA TYR A 177 -7.51 7.33 -16.42
C TYR A 177 -7.70 5.97 -15.79
N LYS A 178 -6.97 4.98 -16.31
CA LYS A 178 -6.94 3.67 -15.66
C LYS A 178 -6.22 3.76 -14.33
N PRO A 179 -6.56 2.90 -13.37
N PRO A 179 -6.59 2.91 -13.37
CA PRO A 179 -5.77 2.88 -12.14
CA PRO A 179 -5.77 2.81 -12.16
C PRO A 179 -4.35 2.42 -12.45
C PRO A 179 -4.33 2.47 -12.53
N ALA A 180 -3.37 3.13 -11.89
CA ALA A 180 -1.96 2.84 -12.12
C ALA A 180 -1.48 1.66 -11.28
N VAL A 181 -2.09 1.50 -10.10
CA VAL A 181 -1.65 0.57 -9.07
C VAL A 181 -2.87 0.01 -8.35
N ASN A 182 -2.79 -1.26 -7.97
CA ASN A 182 -3.66 -1.86 -6.95
C ASN A 182 -2.75 -2.33 -5.82
N GLN A 183 -2.91 -1.73 -4.63
CA GLN A 183 -2.12 -2.07 -3.47
C GLN A 183 -2.91 -3.08 -2.62
N ILE A 184 -2.34 -4.27 -2.45
CA ILE A 184 -3.03 -5.37 -1.79
C ILE A 184 -2.10 -6.10 -0.83
N GLU A 185 -2.68 -6.79 0.14
CA GLU A 185 -1.90 -7.62 1.03
C GLU A 185 -1.29 -8.76 0.24
N CYS A 186 0.00 -9.03 0.45
CA CYS A 186 0.63 -10.11 -0.29
C CYS A 186 1.91 -10.55 0.39
N HIS A 187 2.03 -11.85 0.63
CA HIS A 187 3.18 -12.46 1.30
C HIS A 187 3.05 -13.98 1.10
N PRO A 188 4.03 -14.77 1.57
CA PRO A 188 3.94 -16.21 1.30
C PRO A 188 2.70 -16.93 1.84
N TYR A 189 1.99 -16.36 2.82
CA TYR A 189 0.78 -17.02 3.30
C TYR A 189 -0.50 -16.52 2.60
N LEU A 190 -0.36 -15.50 1.74
CA LEU A 190 -1.45 -14.94 0.97
C LEU A 190 -0.85 -14.47 -0.35
N THR A 191 -0.66 -15.43 -1.26
CA THR A 191 0.18 -15.19 -2.43
C THR A 191 -0.51 -14.49 -3.58
N GLN A 192 -1.84 -14.53 -3.61
CA GLN A 192 -2.63 -13.68 -4.50
C GLN A 192 -2.38 -13.90 -5.99
N GLU A 193 -2.07 -15.13 -6.40
N GLU A 193 -2.09 -15.13 -6.39
CA GLU A 193 -1.72 -15.40 -7.80
CA GLU A 193 -1.69 -15.38 -7.77
C GLU A 193 -2.78 -14.91 -8.78
C GLU A 193 -2.76 -14.97 -8.79
N LYS A 194 -4.03 -15.25 -8.50
CA LYS A 194 -5.11 -14.90 -9.40
C LYS A 194 -5.26 -13.38 -9.59
N LEU A 195 -5.34 -12.65 -8.48
CA LEU A 195 -5.54 -11.22 -8.57
C LEU A 195 -4.34 -10.51 -9.19
N ILE A 196 -3.14 -10.96 -8.85
CA ILE A 196 -1.93 -10.36 -9.39
C ILE A 196 -1.83 -10.51 -10.91
N GLN A 197 -2.06 -11.72 -11.42
N GLN A 197 -2.07 -11.73 -11.38
CA GLN A 197 -1.97 -11.92 -12.85
CA GLN A 197 -2.04 -12.01 -12.80
C GLN A 197 -3.02 -11.08 -13.59
C GLN A 197 -3.02 -11.13 -13.57
N TYR A 198 -4.23 -11.00 -13.02
CA TYR A 198 -5.26 -10.18 -13.64
C TYR A 198 -4.82 -8.72 -13.74
N CYS A 199 -4.36 -8.15 -12.63
CA CYS A 199 -3.93 -6.76 -12.63
C CYS A 199 -2.78 -6.53 -13.60
N GLN A 200 -1.76 -7.40 -13.55
CA GLN A 200 -0.59 -7.22 -14.40
C GLN A 200 -0.96 -7.32 -15.88
N SER A 201 -1.90 -8.19 -16.20
CA SER A 201 -2.34 -8.37 -17.59
C SER A 201 -3.05 -7.13 -18.14
N LYS A 202 -3.54 -6.28 -17.23
CA LYS A 202 -4.21 -5.05 -17.60
C LYS A 202 -3.31 -3.83 -17.47
N GLY A 203 -2.02 -4.06 -17.17
CA GLY A 203 -1.07 -2.98 -17.07
C GLY A 203 -1.10 -2.23 -15.75
N ILE A 204 -1.78 -2.81 -14.76
CA ILE A 204 -1.87 -2.25 -13.42
C ILE A 204 -0.75 -2.85 -12.57
N VAL A 205 0.09 -2.00 -11.99
CA VAL A 205 1.16 -2.46 -11.13
C VAL A 205 0.60 -2.82 -9.75
N VAL A 206 1.06 -3.92 -9.19
CA VAL A 206 0.62 -4.34 -7.88
C VAL A 206 1.67 -4.00 -6.83
N THR A 207 1.23 -3.37 -5.74
CA THR A 207 2.06 -3.16 -4.57
C THR A 207 1.62 -4.14 -3.48
N ALA A 208 2.60 -4.84 -2.92
CA ALA A 208 2.40 -5.80 -1.83
C ALA A 208 2.57 -5.11 -0.49
N TYR A 209 1.49 -5.11 0.30
CA TYR A 209 1.55 -4.63 1.66
C TYR A 209 1.62 -5.76 2.68
N SER A 210 1.98 -5.41 3.91
CA SER A 210 2.26 -6.37 4.97
C SER A 210 3.16 -7.53 4.51
N PRO A 211 4.29 -7.23 3.84
CA PRO A 211 5.10 -8.30 3.28
C PRO A 211 5.79 -9.16 4.35
N LEU A 212 5.91 -8.64 5.56
CA LEU A 212 6.48 -9.40 6.67
C LEU A 212 5.42 -10.03 7.55
N GLY A 213 4.16 -9.92 7.13
CA GLY A 213 3.05 -10.45 7.92
C GLY A 213 2.60 -9.56 9.05
N SER A 214 3.02 -8.29 9.04
CA SER A 214 2.57 -7.30 10.01
C SER A 214 2.60 -7.81 11.48
N PRO A 215 3.79 -8.16 11.98
CA PRO A 215 3.85 -8.71 13.35
C PRO A 215 3.37 -7.72 14.43
N ASP A 216 3.33 -6.43 14.12
CA ASP A 216 2.84 -5.42 15.06
C ASP A 216 1.36 -5.09 14.90
N ARG A 217 0.65 -5.83 14.04
CA ARG A 217 -0.79 -5.64 13.92
C ARG A 217 -1.47 -5.78 15.28
N PRO A 218 -2.46 -4.92 15.56
CA PRO A 218 -3.05 -4.85 16.90
C PRO A 218 -3.78 -6.13 17.35
N TRP A 219 -4.22 -6.95 16.40
CA TRP A 219 -5.05 -8.11 16.69
C TRP A 219 -4.29 -9.42 16.57
N ALA A 220 -2.96 -9.34 16.61
CA ALA A 220 -2.12 -10.54 16.55
C ALA A 220 -2.43 -11.49 17.70
N LYS A 221 -2.57 -12.77 17.38
CA LYS A 221 -2.77 -13.79 18.38
C LYS A 221 -1.52 -14.67 18.41
N PRO A 222 -1.05 -15.02 19.62
CA PRO A 222 0.17 -15.79 19.88
C PRO A 222 0.28 -17.06 19.02
N GLU A 223 -0.85 -17.58 18.57
CA GLU A 223 -0.89 -18.83 17.82
C GLU A 223 -1.04 -18.65 16.30
N ASP A 224 -1.12 -17.40 15.84
CA ASP A 224 -1.18 -17.11 14.41
C ASP A 224 0.08 -17.58 13.72
N PRO A 225 0.00 -17.89 12.41
CA PRO A 225 1.26 -18.18 11.70
C PRO A 225 2.17 -16.95 11.70
N SER A 226 3.46 -17.19 11.57
CA SER A 226 4.45 -16.12 11.66
C SER A 226 5.52 -16.29 10.59
N LEU A 227 5.48 -15.42 9.58
CA LEU A 227 6.44 -15.50 8.48
C LEU A 227 7.87 -15.37 8.95
N LEU A 228 8.14 -14.40 9.81
CA LEU A 228 9.50 -14.15 10.25
C LEU A 228 10.08 -15.31 11.06
N GLU A 229 9.21 -16.14 11.62
CA GLU A 229 9.64 -17.28 12.43
C GLU A 229 9.47 -18.64 11.73
N ASP A 230 9.04 -18.62 10.48
CA ASP A 230 8.82 -19.86 9.74
C ASP A 230 10.17 -20.49 9.42
N PRO A 231 10.45 -21.69 9.96
CA PRO A 231 11.79 -22.27 9.75
C PRO A 231 12.11 -22.51 8.27
N ARG A 232 11.08 -22.71 7.46
CA ARG A 232 11.29 -22.96 6.03
C ARG A 232 11.83 -21.71 5.33
N ILE A 233 11.34 -20.56 5.76
CA ILE A 233 11.77 -19.30 5.19
C ILE A 233 13.13 -18.92 5.75
N LYS A 234 13.32 -19.18 7.04
CA LYS A 234 14.63 -18.98 7.66
C LYS A 234 15.71 -19.78 6.92
N ALA A 235 15.38 -21.00 6.49
CA ALA A 235 16.33 -21.84 5.78
C ALA A 235 16.74 -21.24 4.43
N ILE A 236 15.78 -20.70 3.68
CA ILE A 236 16.06 -20.05 2.42
C ILE A 236 16.96 -18.83 2.67
N ALA A 237 16.66 -18.06 3.71
CA ALA A 237 17.47 -16.91 4.10
C ALA A 237 18.91 -17.32 4.40
N ALA A 238 19.07 -18.35 5.21
CA ALA A 238 20.39 -18.83 5.60
C ALA A 238 21.21 -19.25 4.39
N LYS A 239 20.56 -19.91 3.44
CA LYS A 239 21.24 -20.36 2.22
C LYS A 239 21.83 -19.19 1.45
N HIS A 240 21.12 -18.07 1.46
CA HIS A 240 21.54 -16.87 0.74
C HIS A 240 22.34 -15.89 1.58
N ASN A 241 22.61 -16.24 2.83
N ASN A 241 22.61 -16.24 2.83
CA ASN A 241 23.31 -15.36 3.76
CA ASN A 241 23.30 -15.35 3.77
C ASN A 241 22.58 -14.01 3.91
C ASN A 241 22.59 -14.02 3.97
N LYS A 242 21.26 -14.07 4.02
CA LYS A 242 20.43 -12.88 4.22
C LYS A 242 19.51 -13.14 5.40
N THR A 243 18.80 -12.13 5.85
CA THR A 243 17.82 -12.33 6.93
C THR A 243 16.49 -12.77 6.34
N THR A 244 15.65 -13.32 7.21
N THR A 244 15.64 -13.29 7.22
CA THR A 244 14.32 -13.75 6.79
CA THR A 244 14.31 -13.75 6.81
C THR A 244 13.53 -12.56 6.22
C THR A 244 13.50 -12.58 6.25
N ALA A 245 13.62 -11.41 6.86
CA ALA A 245 12.96 -10.20 6.36
C ALA A 245 13.44 -9.84 4.95
N GLN A 246 14.74 -9.96 4.70
CA GLN A 246 15.26 -9.67 3.37
C GLN A 246 14.72 -10.62 2.30
N VAL A 247 14.59 -11.90 2.63
CA VAL A 247 13.93 -12.84 1.72
C VAL A 247 12.48 -12.47 1.47
N LEU A 248 11.77 -12.09 2.54
CA LEU A 248 10.36 -11.72 2.43
C LEU A 248 10.15 -10.45 1.59
N ILE A 249 11.14 -9.57 1.56
CA ILE A 249 11.08 -8.36 0.74
C ILE A 249 11.48 -8.66 -0.71
N ARG A 250 12.51 -9.48 -0.89
CA ARG A 250 12.96 -9.83 -2.23
C ARG A 250 11.91 -10.62 -3.01
N PHE A 251 11.17 -11.47 -2.31
CA PHE A 251 10.14 -12.33 -2.91
C PHE A 251 9.15 -11.56 -3.82
N PRO A 252 8.44 -10.55 -3.28
CA PRO A 252 7.53 -9.82 -4.18
C PRO A 252 8.27 -9.06 -5.30
N MET A 253 9.48 -8.57 -5.02
CA MET A 253 10.24 -7.88 -6.06
C MET A 253 10.40 -8.75 -7.29
N GLN A 254 10.67 -10.04 -7.08
CA GLN A 254 10.88 -10.95 -8.21
C GLN A 254 9.58 -11.40 -8.89
N ARG A 255 8.45 -11.01 -8.34
CA ARG A 255 7.15 -11.22 -8.99
C ARG A 255 6.70 -9.95 -9.72
N ASN A 256 7.64 -9.02 -9.89
CA ASN A 256 7.38 -7.72 -10.53
C ASN A 256 6.39 -6.86 -9.75
N LEU A 257 6.43 -7.00 -8.42
CA LEU A 257 5.62 -6.19 -7.53
C LEU A 257 6.47 -5.10 -6.89
N VAL A 258 5.80 -4.05 -6.45
CA VAL A 258 6.36 -3.08 -5.54
C VAL A 258 6.10 -3.59 -4.12
N VAL A 259 6.99 -3.29 -3.16
CA VAL A 259 6.83 -3.80 -1.81
C VAL A 259 7.18 -2.69 -0.81
N ILE A 260 6.41 -2.63 0.29
CA ILE A 260 6.49 -1.49 1.21
C ILE A 260 6.61 -1.92 2.69
N PRO A 261 7.69 -2.61 3.05
CA PRO A 261 7.88 -3.00 4.45
C PRO A 261 7.92 -1.78 5.38
N LYS A 262 7.29 -1.90 6.54
CA LYS A 262 7.30 -0.85 7.55
C LYS A 262 8.32 -1.14 8.64
N SER A 263 9.07 -0.11 9.02
CA SER A 263 9.87 -0.16 10.24
C SER A 263 10.08 1.24 10.75
N VAL A 264 10.18 1.36 12.07
CA VAL A 264 10.68 2.57 12.71
C VAL A 264 12.04 2.34 13.39
N THR A 265 12.62 1.16 13.18
CA THR A 265 13.91 0.82 13.79
C THR A 265 15.01 1.09 12.79
N PRO A 266 15.92 2.04 13.10
CA PRO A 266 16.93 2.40 12.08
C PRO A 266 17.70 1.22 11.48
N GLU A 267 18.13 0.26 12.30
CA GLU A 267 18.89 -0.88 11.78
C GLU A 267 18.06 -1.71 10.81
N ARG A 268 16.77 -1.86 11.09
CA ARG A 268 15.90 -2.63 10.22
C ARG A 268 15.56 -1.88 8.93
N ILE A 269 15.37 -0.57 9.05
CA ILE A 269 15.14 0.26 7.87
C ILE A 269 16.29 0.04 6.88
N ALA A 270 17.53 0.09 7.38
CA ALA A 270 18.68 -0.14 6.52
C ALA A 270 18.75 -1.58 6.00
N GLU A 271 18.53 -2.55 6.88
CA GLU A 271 18.52 -3.97 6.51
C GLU A 271 17.54 -4.24 5.38
N ASN A 272 16.34 -3.68 5.51
CA ASN A 272 15.27 -3.93 4.57
C ASN A 272 15.56 -3.39 3.18
N PHE A 273 16.48 -2.42 3.09
CA PHE A 273 16.83 -1.84 1.80
C PHE A 273 17.92 -2.64 1.09
N LYS A 274 18.62 -3.52 1.83
CA LYS A 274 19.74 -4.26 1.26
C LYS A 274 19.27 -5.56 0.61
N VAL A 275 18.50 -5.38 -0.45
CA VAL A 275 17.80 -6.48 -1.11
C VAL A 275 17.99 -6.45 -2.62
N PHE A 276 18.94 -5.65 -3.10
CA PHE A 276 19.18 -5.53 -4.54
C PHE A 276 20.43 -6.27 -5.01
N ASP A 277 21.06 -7.03 -4.10
CA ASP A 277 22.33 -7.67 -4.42
C ASP A 277 22.30 -9.20 -4.30
N PHE A 278 21.11 -9.78 -4.32
CA PHE A 278 20.98 -11.23 -4.36
C PHE A 278 19.71 -11.59 -5.12
N GLU A 279 19.63 -12.84 -5.56
CA GLU A 279 18.48 -13.33 -6.29
C GLU A 279 18.01 -14.65 -5.71
N LEU A 280 16.70 -14.75 -5.50
CA LEU A 280 16.07 -16.03 -5.19
C LEU A 280 15.97 -16.84 -6.49
N SER A 281 16.21 -18.14 -6.41
CA SER A 281 16.06 -19.00 -7.58
C SER A 281 14.58 -19.20 -7.90
N SER A 282 14.29 -19.70 -9.09
N SER A 282 14.29 -19.68 -9.10
CA SER A 282 12.90 -20.02 -9.45
CA SER A 282 12.94 -20.03 -9.46
C SER A 282 12.34 -21.10 -8.53
C SER A 282 12.37 -21.05 -8.47
N GLN A 283 13.21 -22.02 -8.10
CA GLN A 283 12.84 -23.04 -7.12
C GLN A 283 12.50 -22.38 -5.76
N ASP A 284 13.32 -21.43 -5.31
CA ASP A 284 13.03 -20.66 -4.10
C ASP A 284 11.66 -19.98 -4.21
N MET A 285 11.43 -19.34 -5.36
CA MET A 285 10.20 -18.59 -5.59
C MET A 285 8.98 -19.52 -5.54
N THR A 286 9.06 -20.65 -6.24
CA THR A 286 7.96 -21.61 -6.25
C THR A 286 7.74 -22.21 -4.85
N THR A 287 8.84 -22.45 -4.14
CA THR A 287 8.74 -22.94 -2.77
C THR A 287 8.02 -21.93 -1.87
N LEU A 288 8.42 -20.66 -1.94
CA LEU A 288 7.73 -19.63 -1.16
C LEU A 288 6.26 -19.52 -1.52
N LEU A 289 5.95 -19.57 -2.82
CA LEU A 289 4.56 -19.53 -3.27
C LEU A 289 3.76 -20.70 -2.69
N SER A 290 4.42 -21.83 -2.47
CA SER A 290 3.72 -23.02 -2.00
C SER A 290 3.22 -22.88 -0.58
N TYR A 291 3.67 -21.85 0.13
CA TYR A 291 3.27 -21.67 1.53
C TYR A 291 1.93 -20.96 1.66
N ASN A 292 1.30 -20.63 0.54
CA ASN A 292 0.01 -19.95 0.57
C ASN A 292 -1.03 -20.69 1.41
N ARG A 293 -1.76 -19.94 2.22
CA ARG A 293 -2.83 -20.52 2.99
C ARG A 293 -4.01 -19.58 3.09
N ASN A 294 -4.01 -18.56 2.24
CA ASN A 294 -5.10 -17.58 2.22
C ASN A 294 -5.31 -16.93 3.59
N TRP A 295 -4.20 -16.63 4.26
CA TRP A 295 -4.22 -15.99 5.58
C TRP A 295 -4.07 -14.48 5.45
N ARG A 296 -5.03 -13.71 5.97
N ARG A 296 -5.08 -13.78 5.94
CA ARG A 296 -4.99 -12.24 5.89
CA ARG A 296 -5.25 -12.38 5.67
C ARG A 296 -4.70 -11.48 7.20
C ARG A 296 -5.21 -11.63 6.98
N VAL A 297 -3.79 -10.52 7.14
N VAL A 297 -4.22 -10.74 7.14
CA VAL A 297 -3.60 -9.55 8.22
CA VAL A 297 -4.11 -9.95 8.34
C VAL A 297 -4.77 -8.59 8.31
C VAL A 297 -5.08 -8.77 8.32
N CYS A 298 -5.28 -8.17 7.15
CA CYS A 298 -6.16 -7.02 7.07
C CYS A 298 -7.53 -7.33 6.49
N ALA A 299 -8.51 -7.44 7.39
CA ALA A 299 -9.93 -7.63 7.06
C ALA A 299 -10.75 -7.39 8.34
N LEU A 300 -11.81 -6.59 8.25
CA LEU A 300 -12.55 -6.22 9.45
C LEU A 300 -13.96 -6.78 9.50
N LEU A 301 -14.31 -7.37 10.64
CA LEU A 301 -15.64 -7.92 10.86
C LEU A 301 -16.73 -6.86 10.71
N SER A 302 -16.45 -5.64 11.14
CA SER A 302 -17.43 -4.57 11.09
C SER A 302 -17.86 -4.21 9.67
N CYS A 303 -17.05 -4.62 8.69
CA CYS A 303 -17.32 -4.28 7.29
C CYS A 303 -17.82 -5.43 6.43
N THR A 304 -18.00 -6.59 7.03
CA THR A 304 -18.31 -7.80 6.24
C THR A 304 -19.70 -7.80 5.58
N SER A 305 -20.57 -6.89 5.99
CA SER A 305 -21.88 -6.78 5.35
C SER A 305 -21.97 -5.58 4.40
N HIS A 306 -20.90 -4.79 4.34
CA HIS A 306 -20.87 -3.68 3.41
C HIS A 306 -20.98 -4.24 2.01
N LYS A 307 -21.79 -3.63 1.15
CA LYS A 307 -22.01 -4.17 -0.19
C LYS A 307 -20.71 -4.29 -1.00
N ASP A 308 -19.72 -3.47 -0.66
CA ASP A 308 -18.47 -3.48 -1.39
C ASP A 308 -17.33 -4.13 -0.62
N TYR A 309 -17.65 -4.89 0.42
CA TYR A 309 -16.62 -5.65 1.14
C TYR A 309 -15.87 -6.51 0.13
N PRO A 310 -14.54 -6.41 0.10
CA PRO A 310 -13.81 -7.02 -1.02
C PRO A 310 -13.47 -8.51 -0.88
N PHE A 311 -13.58 -9.09 0.31
CA PHE A 311 -12.98 -10.41 0.54
C PHE A 311 -13.95 -11.59 0.63
N HIS A 312 -15.18 -11.42 0.14
CA HIS A 312 -16.11 -12.56 0.01
C HIS A 312 -15.74 -13.38 -1.20
N GLU A 313 -15.39 -12.68 -2.28
CA GLU A 313 -15.03 -13.31 -3.55
C GLU A 313 -13.76 -14.11 -3.38
N GLU A 314 -13.59 -15.11 -4.24
CA GLU A 314 -12.37 -15.92 -4.25
C GLU A 314 -11.15 -15.03 -4.42
N PHE A 315 -11.27 -14.05 -5.31
CA PHE A 315 -10.19 -13.08 -5.53
C PHE A 315 -10.71 -11.82 -6.20
PA NAP B . 4.96 -5.29 7.70
O1A NAP B . 5.77 -4.25 6.86
O2A NAP B . 4.70 -6.61 7.10
O5B NAP B . 5.65 -5.54 9.11
C5B NAP B . 5.98 -4.43 9.97
C4B NAP B . 6.49 -5.06 11.26
O4B NAP B . 7.70 -5.78 10.99
C3B NAP B . 6.84 -4.07 12.38
O3B NAP B . 6.49 -4.64 13.63
C2B NAP B . 8.37 -3.89 12.23
O2B NAP B . 8.93 -3.55 13.49
C1B NAP B . 8.77 -5.31 11.81
N9A NAP B . 9.98 -5.35 11.02
C8A NAP B . 10.32 -4.58 10.01
N7A NAP B . 11.45 -4.89 9.50
C5A NAP B . 11.92 -5.94 10.19
C6A NAP B . 13.10 -6.69 10.10
N6A NAP B . 14.05 -6.44 9.18
N1A NAP B . 13.24 -7.69 10.99
C2A NAP B . 12.29 -7.97 11.92
N3A NAP B . 11.16 -7.25 12.04
C4A NAP B . 10.98 -6.25 11.17
O3 NAP B . 3.55 -4.70 8.19
PN NAP B . 2.53 -3.52 7.74
O1N NAP B . 1.18 -4.09 7.99
O2N NAP B . 2.88 -2.26 8.43
O5D NAP B . 2.67 -3.38 6.16
C5D NAP B . 3.62 -2.51 5.51
C4D NAP B . 2.97 -1.22 5.03
O4D NAP B . 1.97 -1.50 4.05
C3D NAP B . 2.17 -0.46 6.11
O3D NAP B . 2.99 0.22 7.06
C2D NAP B . 1.39 0.50 5.20
O2D NAP B . 2.26 1.53 4.72
C1D NAP B . 0.98 -0.48 4.07
N1N NAP B . -0.37 -1.13 4.32
C2N NAP B . -1.40 -0.74 3.55
C3N NAP B . -2.67 -1.29 3.75
C7N NAP B . -3.82 -0.91 2.87
O7N NAP B . -4.95 -1.18 3.22
N7N NAP B . -3.53 -0.33 1.69
C4N NAP B . -2.87 -2.22 4.76
C5N NAP B . -1.78 -2.60 5.55
C6N NAP B . -0.53 -2.05 5.30
P2B NAP B . 9.56 -2.12 13.84
O1X NAP B . 11.07 -2.12 13.39
O2X NAP B . 8.76 -1.02 13.06
O3X NAP B . 9.42 -2.00 15.32
C1 2W8 C . -8.78 -2.26 7.56
C2 2W8 C . -8.44 -3.53 8.03
C3 2W8 C . -7.24 -3.71 8.72
C5 2W8 C . -6.38 -2.64 8.93
C6 2W8 C . -6.71 -1.37 8.45
C7 2W8 C . -7.91 -1.18 7.76
C9 2W8 C . -5.76 -0.18 8.67
C10 2W8 C . -4.58 -0.27 7.68
C11 2W8 C . -4.90 0.35 6.35
O12 2W8 C . -4.00 0.65 5.59
O14 2W8 C . -6.19 0.54 6.06
C19 2W8 C . -10.05 -2.05 6.81
C20 2W8 C . -10.53 -0.76 6.55
C22 2W8 C . -11.71 -0.58 5.84
C24 2W8 C . -12.42 -1.69 5.37
C26 2W8 C . -11.97 -2.98 5.63
N27 2W8 C . -12.64 -4.07 5.18
O28 2W8 C . -12.32 -5.17 5.63
O29 2W8 C . -13.52 -3.93 4.35
C30 2W8 C . -10.77 -3.15 6.35
#